data_4KW7
#
_entry.id   4KW7
#
_cell.length_a   85.095
_cell.length_b   47.410
_cell.length_c   100.375
_cell.angle_alpha   90.00
_cell.angle_beta   113.48
_cell.angle_gamma   90.00
#
_symmetry.space_group_name_H-M   'C 1 2 1'
#
loop_
_entity.id
_entity.type
_entity.pdbx_description
1 polymer 'Arsenic methyltransferase'
2 non-polymer 'CALCIUM ION'
3 non-polymer 'Phenylarsine oxide'
4 water water
#
_entity_poly.entity_id   1
_entity_poly.type   'polypeptide(L)'
_entity_poly.pdbx_seq_one_letter_code
;MPCSCASGCQKSKNGGSTPSIRDHVADYYGKTLQSSADLKTSACKLAAAVPESHRKILADIADEVLEKFYGCGSTLPADG
SLEGATVLDLGCGTGRDVYLASKLVGEHGKVIGVDMLDNQLEVARKYVEYHAEKFFGSPSRSNVRFLKGFIENLATAEPE
GVPDSSVDIVISNCVCNLSTNKLALFKEIHRVLRDGGELYFSDVYADRRLSEAAQQDPILYGECLGGALYLEDFRRLVAE
AGFRDVRLVSVGPVDVSDPQLRKLVPDVQFYSCTFRCFKVATLEATREDYGQSATYLGGIGEEFKLDRFFTFPREKPVRV
DRNTAEIIRHSRLHQWFSVSAEQQHMGLFKANDSYALLHAPLSMQVEQLVSHHHHHH
;
_entity_poly.pdbx_strand_id   A
#
loop_
_chem_comp.id
_chem_comp.type
_chem_comp.name
_chem_comp.formula
CA non-polymer 'CALCIUM ION' 'Ca 2'
PA0 non-polymer 'Phenylarsine oxide' 'C6 H5 As O'
#
# COMPACT_ATOMS: atom_id res chain seq x y z
N CYS A 44 -7.47 14.10 0.57
CA CYS A 44 -8.66 13.71 1.39
C CYS A 44 -8.82 14.56 2.65
N LYS A 45 -9.90 14.34 3.38
CA LYS A 45 -9.96 14.74 4.78
C LYS A 45 -9.97 13.44 5.55
N LEU A 46 -9.21 12.47 5.04
CA LEU A 46 -9.15 11.12 5.59
C LEU A 46 -7.74 10.71 6.03
N ALA A 47 -6.84 11.68 6.17
CA ALA A 47 -5.44 11.35 6.51
C ALA A 47 -5.30 11.06 8.00
N ALA A 48 -4.69 9.92 8.33
CA ALA A 48 -4.42 9.53 9.71
C ALA A 48 -3.50 10.58 10.39
N ALA A 49 -3.38 10.49 11.72
CA ALA A 49 -2.37 11.27 12.40
C ALA A 49 -1.04 10.98 11.69
N VAL A 50 -0.12 11.94 11.71
CA VAL A 50 1.25 11.64 11.30
C VAL A 50 1.88 10.82 12.43
N PRO A 51 2.43 9.61 12.11
CA PRO A 51 3.22 8.83 13.07
C PRO A 51 4.31 9.68 13.69
N GLU A 52 4.52 9.52 15.00
CA GLU A 52 5.55 10.26 15.78
C GLU A 52 6.94 10.13 15.20
N SER A 53 7.28 8.93 14.72
CA SER A 53 8.57 8.65 14.08
C SER A 53 8.75 9.44 12.79
N HIS A 54 7.66 9.96 12.25
CA HIS A 54 7.72 10.73 11.04
C HIS A 54 7.83 12.22 11.29
N ARG A 55 7.18 12.72 12.36
CA ARG A 55 7.20 14.18 12.74
C ARG A 55 8.58 14.78 12.66
N LYS A 56 9.56 14.16 13.29
CA LYS A 56 10.90 14.72 13.24
C LYS A 56 11.46 14.79 11.79
N ILE A 57 11.14 13.81 10.94
CA ILE A 57 11.71 13.87 9.58
C ILE A 57 10.96 14.91 8.75
N LEU A 58 9.65 15.01 8.96
CA LEU A 58 8.84 16.04 8.31
C LEU A 58 9.27 17.46 8.73
N ALA A 59 9.71 17.61 9.99
CA ALA A 59 10.20 18.93 10.44
C ALA A 59 11.44 19.34 9.65
N ASP A 60 12.03 18.39 8.93
CA ASP A 60 13.24 18.68 8.17
C ASP A 60 13.04 18.78 6.68
N ILE A 61 11.83 18.56 6.23
CA ILE A 61 11.65 18.60 4.79
C ILE A 61 11.35 20.04 4.37
N ALA A 62 11.89 20.46 3.23
CA ALA A 62 11.74 21.81 2.67
C ALA A 62 10.30 22.29 2.78
N ASP A 63 10.08 23.46 3.41
CA ASP A 63 8.71 23.92 3.66
C ASP A 63 7.89 24.06 2.40
N GLU A 64 8.50 24.40 1.27
CA GLU A 64 7.77 24.53 -0.01
C GLU A 64 7.19 23.19 -0.49
N VAL A 65 7.90 22.11 -0.13
CA VAL A 65 7.47 20.76 -0.55
C VAL A 65 6.27 20.44 0.26
N LEU A 66 6.33 20.75 1.57
CA LEU A 66 5.16 20.55 2.41
C LEU A 66 3.95 21.44 2.06
N GLU A 67 4.20 22.71 1.80
CA GLU A 67 3.14 23.68 1.64
C GLU A 67 2.39 23.39 0.36
N LYS A 68 3.11 22.90 -0.66
CA LYS A 68 2.46 22.69 -1.94
C LYS A 68 2.00 21.21 -2.21
N PHE A 69 2.06 20.38 -1.19
CA PHE A 69 1.81 18.96 -1.40
C PHE A 69 0.30 18.72 -1.54
N TYR A 70 -0.06 18.05 -2.61
CA TYR A 70 -1.46 17.67 -2.85
C TYR A 70 -1.85 16.32 -2.17
N GLY A 71 -2.90 16.35 -1.35
CA GLY A 71 -3.51 15.14 -0.80
C GLY A 71 -3.04 14.63 0.53
N CYS A 72 -3.36 13.37 0.79
CA CYS A 72 -2.96 12.72 2.02
C CYS A 72 -1.66 11.98 1.80
N GLY A 73 -0.94 11.83 2.91
CA GLY A 73 0.30 11.08 3.00
C GLY A 73 0.10 9.62 2.61
N SER A 74 0.99 9.11 1.73
CA SER A 74 1.06 7.69 1.48
C SER A 74 1.49 6.97 2.79
N THR A 75 0.66 6.08 3.34
CA THR A 75 1.04 5.36 4.56
C THR A 75 2.16 4.35 4.28
N LEU A 76 3.00 4.10 5.28
CA LEU A 76 4.18 3.32 5.05
C LEU A 76 4.15 2.07 5.93
N PRO A 77 4.79 0.99 5.49
CA PRO A 77 5.04 -0.17 6.33
C PRO A 77 5.95 0.25 7.50
N ALA A 78 6.06 -0.60 8.51
CA ALA A 78 6.77 -0.29 9.77
C ALA A 78 8.16 0.25 9.36
N ASP A 79 8.60 1.38 9.91
CA ASP A 79 9.87 2.04 9.48
C ASP A 79 11.07 1.13 9.33
N GLY A 80 11.29 0.29 10.35
CA GLY A 80 12.34 -0.72 10.36
C GLY A 80 12.43 -1.53 9.11
N SER A 81 11.25 -1.89 8.55
CA SER A 81 11.18 -2.79 7.41
C SER A 81 11.57 -2.09 6.15
N LEU A 82 11.72 -0.76 6.21
CA LEU A 82 12.05 0.00 4.98
CA LEU A 82 12.03 0.03 5.01
C LEU A 82 13.53 0.07 4.73
N GLU A 83 14.34 -0.29 5.73
CA GLU A 83 15.80 -0.12 5.52
C GLU A 83 16.34 -0.84 4.28
N GLY A 84 16.96 -0.10 3.38
CA GLY A 84 17.44 -0.73 2.16
C GLY A 84 16.45 -0.96 1.02
N ALA A 85 15.16 -0.65 1.21
CA ALA A 85 14.14 -1.02 0.21
C ALA A 85 14.19 -0.06 -0.99
N THR A 86 13.81 -0.52 -2.18
CA THR A 86 13.45 0.40 -3.25
C THR A 86 11.94 0.69 -3.18
N VAL A 87 11.57 1.97 -3.06
CA VAL A 87 10.12 2.33 -2.80
C VAL A 87 9.66 3.19 -3.93
N LEU A 88 8.47 2.90 -4.47
CA LEU A 88 7.92 3.75 -5.51
C LEU A 88 6.60 4.41 -5.08
N ASP A 89 6.51 5.74 -5.16
CA ASP A 89 5.31 6.46 -4.72
C ASP A 89 4.55 6.88 -5.96
N LEU A 90 3.35 6.32 -6.12
CA LEU A 90 2.46 6.64 -7.29
C LEU A 90 1.61 7.89 -6.99
N GLY A 91 1.78 8.93 -7.82
CA GLY A 91 1.18 10.25 -7.46
C GLY A 91 1.91 10.94 -6.35
N CYS A 92 3.18 11.20 -6.61
CA CYS A 92 4.14 11.66 -5.62
C CYS A 92 3.98 13.13 -5.36
N GLY A 93 3.35 13.87 -6.27
CA GLY A 93 3.15 15.31 -6.02
C GLY A 93 4.48 16.05 -5.81
N THR A 94 4.53 16.93 -4.81
CA THR A 94 5.80 17.67 -4.53
C THR A 94 6.90 16.83 -3.83
N GLY A 95 6.58 15.59 -3.46
CA GLY A 95 7.61 14.66 -2.97
C GLY A 95 7.61 14.49 -1.46
N ARG A 96 6.57 14.98 -0.80
CA ARG A 96 6.53 14.89 0.62
C ARG A 96 6.85 13.45 1.06
N ASP A 97 6.14 12.49 0.48
CA ASP A 97 6.33 11.10 0.91
C ASP A 97 7.57 10.51 0.32
N VAL A 98 7.96 10.88 -0.91
CA VAL A 98 9.26 10.47 -1.39
C VAL A 98 10.45 10.89 -0.50
N TYR A 99 10.45 12.15 -0.03
CA TYR A 99 11.50 12.64 0.82
C TYR A 99 11.46 11.95 2.21
N LEU A 100 10.26 11.78 2.80
CA LEU A 100 10.12 11.06 4.05
C LEU A 100 10.70 9.62 3.97
N ALA A 101 10.38 8.92 2.89
CA ALA A 101 10.90 7.55 2.70
C ALA A 101 12.43 7.52 2.38
N SER A 102 12.95 8.58 1.78
CA SER A 102 14.38 8.75 1.50
C SER A 102 15.23 8.56 2.77
N LYS A 103 14.85 9.28 3.82
CA LYS A 103 15.46 9.11 5.14
C LYS A 103 15.27 7.66 5.66
N LEU A 104 14.04 7.12 5.53
CA LEU A 104 13.72 5.84 6.17
C LEU A 104 14.39 4.67 5.52
N VAL A 105 14.60 4.73 4.20
CA VAL A 105 15.25 3.64 3.45
C VAL A 105 16.80 3.63 3.55
N GLY A 106 17.35 4.80 3.82
CA GLY A 106 18.77 4.93 4.16
C GLY A 106 19.49 5.06 2.84
N GLU A 107 20.81 5.26 2.91
CA GLU A 107 21.61 5.45 1.70
C GLU A 107 21.69 4.21 0.83
N HIS A 108 21.43 3.03 1.38
CA HIS A 108 21.39 1.82 0.51
C HIS A 108 20.06 1.57 -0.17
N GLY A 109 18.99 2.18 0.34
CA GLY A 109 17.69 2.17 -0.34
C GLY A 109 17.57 3.27 -1.39
N LYS A 110 16.43 3.33 -2.04
CA LYS A 110 16.20 4.16 -3.24
C LYS A 110 14.69 4.55 -3.18
N VAL A 111 14.35 5.80 -3.45
CA VAL A 111 12.94 6.18 -3.66
C VAL A 111 12.69 6.81 -5.04
N ILE A 112 11.59 6.37 -5.67
CA ILE A 112 11.14 6.91 -6.93
C ILE A 112 9.75 7.51 -6.76
N GLY A 113 9.53 8.72 -7.29
CA GLY A 113 8.19 9.33 -7.31
C GLY A 113 7.74 9.47 -8.76
N VAL A 114 6.46 9.23 -9.06
CA VAL A 114 5.94 9.37 -10.47
C VAL A 114 4.73 10.24 -10.36
N ASP A 115 4.60 11.22 -11.25
CA ASP A 115 3.39 12.03 -11.31
C ASP A 115 3.28 12.63 -12.71
N MET A 116 2.08 13.11 -13.02
CA MET A 116 1.78 13.75 -14.34
C MET A 116 1.58 15.27 -14.19
N LEU A 117 1.71 15.77 -12.96
CA LEU A 117 1.47 17.19 -12.70
C LEU A 117 2.76 17.97 -12.77
N ASP A 118 3.05 18.52 -13.96
CA ASP A 118 4.26 19.34 -14.28
C ASP A 118 4.74 20.24 -13.12
N ASN A 119 3.81 21.10 -12.73
CA ASN A 119 3.87 22.04 -11.63
C ASN A 119 4.39 21.45 -10.30
N GLN A 120 3.70 20.44 -9.76
CA GLN A 120 4.16 19.68 -8.57
C GLN A 120 5.55 18.99 -8.76
N LEU A 121 5.83 18.45 -9.94
CA LEU A 121 7.13 17.78 -10.14
C LEU A 121 8.28 18.79 -10.15
N GLU A 122 7.99 19.99 -10.65
CA GLU A 122 9.00 21.05 -10.73
C GLU A 122 9.51 21.32 -9.33
N VAL A 123 8.59 21.49 -8.37
CA VAL A 123 8.93 21.60 -6.97
C VAL A 123 9.71 20.40 -6.46
N ALA A 124 9.23 19.19 -6.77
CA ALA A 124 9.91 17.97 -6.31
C ALA A 124 11.34 17.96 -6.82
N ARG A 125 11.50 18.11 -8.13
CA ARG A 125 12.84 18.01 -8.73
C ARG A 125 13.87 19.01 -8.14
N LYS A 126 13.49 20.27 -7.94
CA LYS A 126 14.48 21.21 -7.41
C LYS A 126 14.89 21.07 -5.91
N TYR A 127 14.40 20.07 -5.19
CA TYR A 127 14.79 19.96 -3.78
C TYR A 127 15.53 18.67 -3.44
N VAL A 128 16.03 18.04 -4.46
CA VAL A 128 16.78 16.78 -4.33
C VAL A 128 18.09 16.97 -3.54
N GLU A 129 18.89 17.95 -3.97
CA GLU A 129 20.16 18.27 -3.26
C GLU A 129 19.87 18.71 -1.85
N TYR A 130 18.86 19.58 -1.69
CA TYR A 130 18.47 20.04 -0.36
C TYR A 130 18.39 18.87 0.59
N HIS A 131 17.62 17.84 0.20
CA HIS A 131 17.38 16.72 1.07
C HIS A 131 18.54 15.73 1.10
N ALA A 132 19.31 15.63 0.01
CA ALA A 132 20.56 14.80 0.01
C ALA A 132 21.46 15.27 1.14
N GLU A 133 21.63 16.59 1.32
CA GLU A 133 22.47 17.04 2.46
C GLU A 133 21.74 17.03 3.77
N LYS A 134 20.45 17.35 3.76
CA LYS A 134 19.71 17.34 5.01
C LYS A 134 19.80 15.94 5.64
N PHE A 135 19.66 14.92 4.79
CA PHE A 135 19.61 13.56 5.33
C PHE A 135 20.96 12.85 5.31
N PHE A 136 21.78 13.13 4.32
CA PHE A 136 23.00 12.36 4.11
C PHE A 136 24.29 13.22 3.93
N GLY A 137 24.28 14.44 4.50
CA GLY A 137 25.44 15.38 4.52
C GLY A 137 26.17 15.76 3.25
N SER A 138 25.54 15.65 2.10
CA SER A 138 26.13 16.12 0.87
C SER A 138 25.12 16.19 -0.27
N PRO A 139 25.07 17.35 -0.94
CA PRO A 139 24.10 17.55 -2.03
C PRO A 139 24.19 16.51 -3.12
N SER A 140 25.23 15.69 -3.12
CA SER A 140 25.49 14.78 -4.26
C SER A 140 24.93 13.38 -4.02
N ARG A 141 24.53 13.14 -2.78
CA ARG A 141 24.23 11.82 -2.25
C ARG A 141 22.71 11.50 -2.09
N SER A 142 21.86 12.16 -2.85
CA SER A 142 20.43 11.81 -2.99
C SER A 142 20.19 10.35 -3.38
N ASN A 143 19.24 9.70 -2.69
CA ASN A 143 18.75 8.39 -3.12
C ASN A 143 17.34 8.49 -3.77
N VAL A 144 16.97 9.66 -4.30
CA VAL A 144 15.68 9.76 -4.97
C VAL A 144 15.71 10.27 -6.40
N ARG A 145 14.65 9.95 -7.17
CA ARG A 145 14.37 10.58 -8.44
C ARG A 145 12.86 10.75 -8.66
N PHE A 146 12.50 11.67 -9.52
CA PHE A 146 11.14 11.99 -9.80
C PHE A 146 10.92 11.79 -11.30
N LEU A 147 9.91 11.03 -11.67
CA LEU A 147 9.63 10.71 -13.05
C LEU A 147 8.25 11.25 -13.47
N LYS A 148 8.10 11.60 -14.74
CA LYS A 148 6.89 12.19 -15.25
C LYS A 148 6.22 11.16 -16.11
N GLY A 149 4.97 10.86 -15.83
CA GLY A 149 4.29 9.79 -16.57
C GLY A 149 2.91 9.55 -15.99
N PHE A 150 2.03 8.91 -16.77
CA PHE A 150 0.76 8.38 -16.25
C PHE A 150 1.09 7.16 -15.39
N ILE A 151 0.49 7.05 -14.21
CA ILE A 151 0.75 5.84 -13.38
C ILE A 151 0.27 4.53 -14.01
N GLU A 152 -0.64 4.58 -15.01
CA GLU A 152 -1.09 3.39 -15.74
C GLU A 152 0.00 2.87 -16.71
N ASN A 153 1.11 3.60 -16.85
CA ASN A 153 2.24 3.12 -17.69
C ASN A 153 3.60 3.61 -17.27
N LEU A 154 4.19 2.87 -16.35
CA LEU A 154 5.43 3.29 -15.70
C LEU A 154 6.61 3.10 -16.62
N ALA A 155 6.48 2.21 -17.59
CA ALA A 155 7.55 1.94 -18.58
C ALA A 155 7.87 3.14 -19.46
N THR A 156 6.87 3.96 -19.82
CA THR A 156 7.09 5.15 -20.67
C THR A 156 7.38 6.48 -19.90
N ALA A 157 7.68 6.39 -18.63
CA ALA A 157 7.88 7.61 -17.88
C ALA A 157 9.22 8.24 -18.33
N GLU A 158 9.42 9.50 -17.92
CA GLU A 158 10.60 10.30 -18.31
C GLU A 158 11.26 10.92 -17.06
N PRO A 159 12.61 11.02 -17.00
CA PRO A 159 13.67 10.65 -17.98
C PRO A 159 13.63 9.19 -18.39
N GLU A 160 13.35 8.32 -17.42
CA GLU A 160 13.46 6.86 -17.58
C GLU A 160 12.22 6.13 -17.02
N GLY A 161 11.86 5.02 -17.66
CA GLY A 161 10.79 4.14 -17.17
C GLY A 161 11.21 3.29 -15.98
N VAL A 162 10.23 2.65 -15.33
CA VAL A 162 10.54 1.75 -14.23
C VAL A 162 10.66 0.36 -14.81
N PRO A 163 11.84 -0.27 -14.69
CA PRO A 163 12.00 -1.63 -15.26
C PRO A 163 11.18 -2.66 -14.47
N ASP A 164 10.95 -3.82 -15.09
CA ASP A 164 10.41 -5.05 -14.48
C ASP A 164 11.12 -5.41 -13.19
N SER A 165 10.39 -6.04 -12.28
CA SER A 165 10.98 -6.60 -11.07
C SER A 165 12.09 -5.69 -10.51
N SER A 166 11.76 -4.43 -10.26
CA SER A 166 12.77 -3.52 -9.67
C SER A 166 12.42 -2.82 -8.36
N VAL A 167 11.24 -3.10 -7.79
CA VAL A 167 10.73 -2.25 -6.75
C VAL A 167 10.35 -3.20 -5.61
N ASP A 168 10.73 -2.85 -4.39
CA ASP A 168 10.28 -3.59 -3.20
C ASP A 168 8.91 -3.21 -2.60
N ILE A 169 8.61 -1.91 -2.53
CA ILE A 169 7.35 -1.40 -2.00
C ILE A 169 6.76 -0.32 -2.94
N VAL A 170 5.53 -0.53 -3.40
CA VAL A 170 4.87 0.52 -4.13
C VAL A 170 3.86 1.08 -3.20
N ILE A 171 3.86 2.41 -3.05
CA ILE A 171 2.92 3.03 -2.16
C ILE A 171 2.07 4.04 -2.93
N SER A 172 0.90 4.35 -2.40
CA SER A 172 -0.04 5.30 -3.09
C SER A 172 -1.19 5.63 -2.17
N ASN A 173 -1.72 6.84 -2.30
CA ASN A 173 -2.90 7.23 -1.53
C ASN A 173 -3.95 7.86 -2.44
N CYS A 174 -5.11 7.21 -2.50
CA CYS A 174 -6.26 7.75 -3.19
C CYS A 174 -6.02 8.07 -4.67
N VAL A 175 -5.33 7.17 -5.39
CA VAL A 175 -5.08 7.31 -6.80
C VAL A 175 -5.91 6.44 -7.73
N CYS A 176 -6.54 5.40 -7.22
CA CYS A 176 -7.20 4.44 -8.13
C CYS A 176 -8.50 4.93 -8.77
N ASN A 177 -9.29 5.75 -8.07
CA ASN A 177 -10.68 5.94 -8.49
C ASN A 177 -10.82 7.06 -9.51
N LEU A 178 -9.66 7.69 -9.79
CA LEU A 178 -9.53 8.75 -10.77
C LEU A 178 -8.71 8.13 -11.85
N SER A 179 -8.28 6.87 -11.61
CA SER A 179 -7.46 6.17 -12.59
C SER A 179 -8.30 5.96 -13.86
N THR A 180 -7.63 5.97 -15.00
CA THR A 180 -8.29 5.85 -16.33
C THR A 180 -8.51 4.38 -16.70
N ASN A 181 -7.82 3.48 -16.00
CA ASN A 181 -7.96 2.05 -16.19
C ASN A 181 -7.31 1.28 -15.04
N LYS A 182 -8.16 0.73 -14.15
CA LYS A 182 -7.61 0.15 -12.91
C LYS A 182 -6.85 -1.12 -13.15
N LEU A 183 -7.30 -1.93 -14.13
CA LEU A 183 -6.65 -3.21 -14.45
C LEU A 183 -5.23 -2.96 -14.96
N ALA A 184 -5.11 -2.00 -15.85
CA ALA A 184 -3.78 -1.68 -16.41
C ALA A 184 -2.87 -1.19 -15.31
N LEU A 185 -3.38 -0.29 -14.46
CA LEU A 185 -2.62 0.16 -13.29
C LEU A 185 -2.19 -1.00 -12.38
N PHE A 186 -3.08 -1.93 -12.05
CA PHE A 186 -2.65 -3.07 -11.21
C PHE A 186 -1.64 -3.98 -11.92
N LYS A 187 -1.87 -4.22 -13.20
CA LYS A 187 -0.88 -4.95 -14.01
C LYS A 187 0.53 -4.33 -13.99
N GLU A 188 0.61 -3.00 -14.18
CA GLU A 188 1.87 -2.28 -14.18
C GLU A 188 2.53 -2.34 -12.83
N ILE A 189 1.73 -2.21 -11.78
CA ILE A 189 2.26 -2.48 -10.43
C ILE A 189 2.90 -3.85 -10.29
N HIS A 190 2.22 -4.90 -10.71
CA HIS A 190 2.72 -6.26 -10.52
C HIS A 190 4.01 -6.39 -11.32
N ARG A 191 4.01 -5.71 -12.43
CA ARG A 191 5.17 -5.83 -13.32
C ARG A 191 6.44 -5.28 -12.62
N VAL A 192 6.39 -4.05 -12.11
CA VAL A 192 7.57 -3.44 -11.53
C VAL A 192 7.97 -4.06 -10.17
N LEU A 193 7.02 -4.73 -9.49
CA LEU A 193 7.36 -5.32 -8.19
C LEU A 193 8.36 -6.48 -8.40
N ARG A 194 9.36 -6.57 -7.53
CA ARG A 194 10.11 -7.82 -7.47
C ARG A 194 9.41 -8.91 -6.67
N ASP A 195 9.90 -10.15 -6.84
CA ASP A 195 9.33 -11.25 -6.02
C ASP A 195 9.55 -10.93 -4.56
N GLY A 196 8.50 -11.15 -3.80
CA GLY A 196 8.53 -10.79 -2.39
C GLY A 196 8.18 -9.31 -2.19
N GLY A 197 8.01 -8.53 -3.27
CA GLY A 197 7.69 -7.08 -3.11
C GLY A 197 6.20 -6.93 -2.69
N GLU A 198 5.79 -5.72 -2.36
CA GLU A 198 4.37 -5.49 -2.08
C GLU A 198 3.84 -4.15 -2.51
N LEU A 199 2.55 -4.18 -2.86
CA LEU A 199 1.73 -2.95 -2.92
C LEU A 199 1.14 -2.69 -1.55
N TYR A 200 1.45 -1.52 -1.03
CA TYR A 200 1.06 -1.14 0.30
C TYR A 200 0.44 0.20 0.09
N PHE A 201 -0.90 0.20 0.09
CA PHE A 201 -1.64 1.41 -0.38
C PHE A 201 -3.03 1.63 0.28
N SER A 202 -3.51 2.87 0.26
CA SER A 202 -4.80 3.27 0.80
C SER A 202 -5.67 3.84 -0.25
N ASP A 203 -6.92 3.43 -0.22
CA ASP A 203 -7.90 3.94 -1.17
C ASP A 203 -9.31 3.84 -0.62
N VAL A 204 -10.28 4.32 -1.40
CA VAL A 204 -11.65 4.32 -1.03
C VAL A 204 -12.39 3.19 -1.75
N TYR A 205 -13.17 2.42 -1.02
CA TYR A 205 -13.88 1.29 -1.60
C TYR A 205 -15.34 1.38 -1.24
N ALA A 206 -16.20 0.64 -1.90
CA ALA A 206 -17.61 0.59 -1.49
C ALA A 206 -18.06 -0.81 -1.13
N ASP A 207 -19.16 -0.87 -0.33
CA ASP A 207 -19.70 -2.13 -0.01
C ASP A 207 -20.74 -2.67 -1.02
N ARG A 208 -20.95 -1.98 -2.12
CA ARG A 208 -21.86 -2.52 -3.14
C ARG A 208 -21.52 -1.77 -4.43
N ARG A 209 -22.10 -2.22 -5.54
CA ARG A 209 -21.81 -1.64 -6.87
C ARG A 209 -22.59 -0.33 -7.09
N LEU A 210 -21.86 0.75 -7.31
CA LEU A 210 -22.50 2.04 -7.55
C LEU A 210 -23.33 1.99 -8.89
N SER A 211 -24.42 2.75 -8.94
CA SER A 211 -25.29 2.82 -10.12
C SER A 211 -24.54 3.55 -11.24
N GLU A 212 -25.02 3.38 -12.47
CA GLU A 212 -24.55 4.19 -13.61
CA GLU A 212 -24.54 4.19 -13.59
C GLU A 212 -24.57 5.70 -13.33
N ALA A 213 -25.69 6.19 -12.81
CA ALA A 213 -25.85 7.60 -12.48
C ALA A 213 -24.78 8.10 -11.47
N ALA A 214 -24.44 7.27 -10.50
CA ALA A 214 -23.46 7.68 -9.50
C ALA A 214 -22.10 7.69 -10.15
N GLN A 215 -21.85 6.73 -11.03
CA GLN A 215 -20.53 6.73 -11.68
C GLN A 215 -20.35 7.83 -12.75
N GLN A 216 -21.40 8.54 -13.15
CA GLN A 216 -21.27 9.68 -14.11
C GLN A 216 -21.10 11.03 -13.43
N ASP A 217 -21.46 11.09 -12.14
CA ASP A 217 -21.57 12.38 -11.48
C ASP A 217 -20.20 13.02 -11.17
N PRO A 218 -19.99 14.24 -11.65
CA PRO A 218 -18.67 14.93 -11.59
C PRO A 218 -18.17 15.19 -10.14
N ILE A 219 -19.09 15.50 -9.21
CA ILE A 219 -18.68 15.83 -7.82
C ILE A 219 -18.37 14.53 -7.06
N LEU A 220 -19.18 13.49 -7.24
CA LEU A 220 -18.79 12.19 -6.72
C LEU A 220 -17.47 11.72 -7.27
N TYR A 221 -17.28 11.85 -8.59
CA TYR A 221 -16.03 11.48 -9.19
C TYR A 221 -14.82 12.21 -8.58
N GLY A 222 -14.87 13.53 -8.49
CA GLY A 222 -13.70 14.27 -7.97
C GLY A 222 -13.53 14.03 -6.46
N GLU A 223 -14.54 13.48 -5.81
CA GLU A 223 -14.38 13.18 -4.34
C GLU A 223 -13.78 11.79 -4.17
N CYS A 224 -13.40 11.14 -5.29
CA CYS A 224 -12.95 9.74 -5.29
C CYS A 224 -13.98 8.71 -4.82
N LEU A 225 -15.25 9.07 -4.83
CA LEU A 225 -16.32 8.13 -4.56
C LEU A 225 -16.90 7.46 -5.81
N GLY A 226 -17.04 8.23 -6.88
CA GLY A 226 -17.80 7.80 -8.09
C GLY A 226 -17.12 6.66 -8.80
N GLY A 227 -15.79 6.69 -8.85
CA GLY A 227 -14.97 5.62 -9.37
C GLY A 227 -14.59 4.52 -8.38
N ALA A 228 -15.17 4.53 -7.15
CA ALA A 228 -14.88 3.44 -6.24
C ALA A 228 -15.44 2.00 -6.56
N LEU A 229 -14.58 0.99 -6.41
CA LEU A 229 -14.94 -0.40 -6.65
C LEU A 229 -15.71 -0.94 -5.45
N TYR A 230 -16.78 -1.65 -5.77
CA TYR A 230 -17.20 -2.67 -4.79
C TYR A 230 -16.06 -3.59 -4.37
N LEU A 231 -15.93 -3.85 -3.09
CA LEU A 231 -14.75 -4.60 -2.66
C LEU A 231 -14.50 -6.00 -3.29
N GLU A 232 -15.59 -6.73 -3.66
CA GLU A 232 -15.42 -8.06 -4.23
C GLU A 232 -14.88 -7.88 -5.65
N ASP A 233 -15.36 -6.82 -6.27
CA ASP A 233 -14.93 -6.53 -7.64
C ASP A 233 -13.42 -6.14 -7.62
N PHE A 234 -13.06 -5.27 -6.67
CA PHE A 234 -11.63 -5.01 -6.42
C PHE A 234 -10.81 -6.28 -6.25
N ARG A 235 -11.30 -7.22 -5.42
CA ARG A 235 -10.60 -8.49 -5.14
CA ARG A 235 -10.54 -8.45 -5.16
C ARG A 235 -10.33 -9.29 -6.47
N ARG A 236 -11.35 -9.37 -7.29
CA ARG A 236 -11.27 -10.13 -8.56
C ARG A 236 -10.28 -9.41 -9.54
N LEU A 237 -10.39 -8.09 -9.59
CA LEU A 237 -9.56 -7.29 -10.53
C LEU A 237 -8.11 -7.40 -10.15
N VAL A 238 -7.80 -7.32 -8.86
CA VAL A 238 -6.42 -7.33 -8.44
CA VAL A 238 -6.40 -7.33 -8.51
C VAL A 238 -5.89 -8.75 -8.63
N ALA A 239 -6.77 -9.75 -8.51
CA ALA A 239 -6.36 -11.14 -8.66
C ALA A 239 -6.00 -11.34 -10.17
N GLU A 240 -6.79 -10.74 -11.02
CA GLU A 240 -6.56 -10.85 -12.42
C GLU A 240 -5.20 -10.20 -12.79
N ALA A 241 -4.83 -9.12 -12.13
CA ALA A 241 -3.49 -8.55 -12.30
C ALA A 241 -2.34 -9.38 -11.74
N GLY A 242 -2.60 -10.37 -10.89
CA GLY A 242 -1.52 -11.19 -10.39
C GLY A 242 -1.42 -11.33 -8.87
N PHE A 243 -2.27 -10.59 -8.13
CA PHE A 243 -2.21 -10.56 -6.66
C PHE A 243 -3.28 -11.39 -6.07
N ARG A 244 -2.88 -12.52 -5.55
CA ARG A 244 -3.83 -13.55 -5.23
C ARG A 244 -4.27 -13.47 -3.78
N ASP A 245 -3.67 -12.59 -2.98
CA ASP A 245 -3.94 -12.56 -1.52
C ASP A 245 -3.92 -11.15 -1.04
N VAL A 246 -5.07 -10.62 -0.63
CA VAL A 246 -5.20 -9.21 -0.32
C VAL A 246 -5.26 -9.17 1.18
N ARG A 247 -4.32 -8.45 1.82
CA ARG A 247 -4.33 -8.44 3.29
C ARG A 247 -4.83 -7.11 3.77
N LEU A 248 -5.76 -7.14 4.70
CA LEU A 248 -6.32 -5.90 5.21
C LEU A 248 -5.42 -5.35 6.34
N VAL A 249 -4.88 -4.15 6.19
CA VAL A 249 -4.07 -3.51 7.23
C VAL A 249 -4.92 -2.63 8.16
N SER A 250 -5.77 -1.75 7.58
CA SER A 250 -6.71 -0.97 8.41
C SER A 250 -7.87 -0.45 7.57
N VAL A 251 -8.94 -0.07 8.22
CA VAL A 251 -10.13 0.39 7.55
C VAL A 251 -10.81 1.44 8.43
N GLY A 252 -11.18 2.54 7.79
CA GLY A 252 -12.05 3.58 8.39
C GLY A 252 -13.36 3.82 7.64
N PRO A 253 -14.39 4.41 8.31
CA PRO A 253 -15.59 4.75 7.51
C PRO A 253 -15.37 6.03 6.67
N VAL A 254 -16.07 6.14 5.56
CA VAL A 254 -16.13 7.38 4.84
C VAL A 254 -17.59 7.78 4.77
N ASP A 255 -17.92 9.02 5.15
CA ASP A 255 -19.34 9.44 5.12
C ASP A 255 -19.63 10.31 3.94
N VAL A 256 -20.84 10.19 3.43
CA VAL A 256 -21.34 11.05 2.39
C VAL A 256 -22.62 11.63 3.02
N SER A 257 -22.53 12.89 3.42
CA SER A 257 -23.63 13.48 4.21
C SER A 257 -24.46 14.45 3.38
N ASP A 258 -23.81 15.16 2.44
CA ASP A 258 -24.53 16.03 1.47
C ASP A 258 -25.70 15.30 0.80
N PRO A 259 -26.94 15.73 1.13
CA PRO A 259 -28.16 14.98 0.82
C PRO A 259 -28.35 14.80 -0.69
N GLN A 260 -27.73 15.69 -1.47
CA GLN A 260 -27.88 15.66 -2.91
C GLN A 260 -27.09 14.49 -3.46
N LEU A 261 -25.79 14.47 -3.18
CA LEU A 261 -24.93 13.31 -3.52
C LEU A 261 -25.44 11.99 -2.94
N ARG A 262 -25.86 12.01 -1.66
CA ARG A 262 -26.26 10.79 -0.99
C ARG A 262 -27.35 10.11 -1.82
N LYS A 263 -28.21 10.93 -2.42
CA LYS A 263 -29.32 10.47 -3.23
C LYS A 263 -28.84 9.56 -4.37
N LEU A 264 -27.62 9.81 -4.86
CA LEU A 264 -27.07 9.01 -5.97
C LEU A 264 -26.53 7.71 -5.43
N VAL A 265 -26.27 7.66 -4.09
CA VAL A 265 -25.66 6.46 -3.49
C VAL A 265 -26.37 6.10 -2.16
N PRO A 266 -27.71 5.89 -2.21
CA PRO A 266 -28.51 6.02 -0.96
C PRO A 266 -27.98 5.20 0.20
N ASP A 267 -27.84 3.91 -0.02
CA ASP A 267 -27.51 2.96 1.06
C ASP A 267 -26.06 2.42 0.96
N VAL A 268 -25.26 3.03 0.07
CA VAL A 268 -23.83 2.66 -0.02
C VAL A 268 -23.04 3.03 1.25
N GLN A 269 -22.25 2.09 1.74
CA GLN A 269 -21.25 2.41 2.76
C GLN A 269 -19.88 2.49 2.07
N PHE A 270 -19.18 3.60 2.18
CA PHE A 270 -17.83 3.67 1.70
C PHE A 270 -16.82 3.45 2.81
N TYR A 271 -15.64 3.00 2.40
CA TYR A 271 -14.57 2.76 3.35
C TYR A 271 -13.27 3.25 2.83
N SER A 272 -12.42 3.67 3.76
CA SER A 272 -11.03 3.95 3.43
C SER A 272 -10.22 2.71 3.84
N CYS A 273 -9.64 1.99 2.91
CA CYS A 273 -8.95 0.79 3.31
C CYS A 273 -7.51 0.84 2.94
N THR A 274 -6.68 0.50 3.91
CA THR A 274 -5.28 0.22 3.57
C THR A 274 -5.08 -1.29 3.38
N PHE A 275 -4.51 -1.71 2.23
CA PHE A 275 -4.33 -3.11 1.99
C PHE A 275 -2.86 -3.34 1.68
N ARG A 276 -2.40 -4.56 1.86
CA ARG A 276 -1.09 -4.94 1.32
C ARG A 276 -1.20 -6.16 0.40
N CYS A 277 -0.67 -6.10 -0.81
CA CYS A 277 -0.89 -7.22 -1.68
C CYS A 277 0.54 -7.62 -2.12
N PHE A 278 1.02 -8.78 -1.66
CA PHE A 278 2.41 -9.23 -1.92
C PHE A 278 2.45 -9.90 -3.31
N LYS A 279 3.55 -9.68 -3.99
CA LYS A 279 3.87 -10.42 -5.19
C LYS A 279 4.76 -11.60 -4.86
N VAL A 280 4.15 -12.77 -4.72
CA VAL A 280 4.87 -13.94 -4.27
C VAL A 280 4.39 -15.12 -5.07
N ALA A 281 5.32 -15.73 -5.86
CA ALA A 281 4.98 -16.73 -6.89
C ALA A 281 4.15 -17.93 -6.39
N THR A 282 4.41 -18.35 -5.16
CA THR A 282 3.77 -19.54 -4.56
C THR A 282 2.51 -19.29 -3.75
N LEU A 283 1.97 -18.06 -3.75
CA LEU A 283 0.71 -17.84 -3.01
C LEU A 283 -0.41 -18.63 -3.71
N GLU A 284 -1.38 -19.16 -2.97
CA GLU A 284 -2.63 -19.72 -3.54
C GLU A 284 -3.79 -18.80 -3.29
N ALA A 285 -4.93 -19.09 -3.93
CA ALA A 285 -6.15 -18.33 -3.74
C ALA A 285 -6.67 -18.61 -2.32
N THR A 286 -6.28 -19.74 -1.74
CA THR A 286 -6.89 -20.10 -0.40
C THR A 286 -5.77 -20.12 0.65
N ARG A 287 -6.17 -20.16 1.93
CA ARG A 287 -5.28 -20.09 3.10
C ARG A 287 -5.22 -21.47 3.79
N GLU A 288 -4.16 -22.20 3.46
CA GLU A 288 -3.99 -23.59 3.71
C GLU A 288 -3.03 -23.82 4.87
N ASP A 289 -3.30 -24.85 5.64
CA ASP A 289 -2.46 -25.17 6.74
C ASP A 289 -1.48 -26.23 6.49
N TYR A 290 -0.20 -25.85 6.59
CA TYR A 290 0.91 -26.85 6.38
C TYR A 290 1.70 -27.08 7.66
N GLY A 291 1.02 -26.76 8.77
CA GLY A 291 1.51 -26.99 10.11
C GLY A 291 2.56 -25.98 10.59
N GLN A 292 2.77 -24.88 9.86
CA GLN A 292 3.86 -23.96 10.12
C GLN A 292 3.63 -22.96 11.26
N SER A 293 4.77 -22.52 11.79
CA SER A 293 4.86 -21.41 12.73
C SER A 293 5.82 -20.36 12.22
N ALA A 294 5.54 -19.10 12.55
CA ALA A 294 6.54 -18.06 12.30
C ALA A 294 6.82 -17.37 13.63
N THR A 295 8.09 -16.98 13.78
CA THR A 295 8.55 -16.27 14.96
C THR A 295 9.28 -15.00 14.60
N TYR A 296 8.74 -13.89 15.07
CA TYR A 296 9.32 -12.58 14.89
C TYR A 296 10.56 -12.49 15.83
N LEU A 297 11.69 -12.23 15.20
CA LEU A 297 12.98 -12.21 15.92
C LEU A 297 13.24 -10.91 16.69
N GLY A 298 12.47 -9.85 16.40
CA GLY A 298 12.70 -8.51 17.00
C GLY A 298 13.54 -7.65 16.08
N GLY A 299 13.69 -6.38 16.42
CA GLY A 299 14.64 -5.56 15.64
C GLY A 299 14.00 -4.45 14.83
N ILE A 300 12.68 -4.58 14.62
CA ILE A 300 11.92 -3.51 14.00
C ILE A 300 10.67 -3.15 14.76
N GLY A 301 10.77 -3.21 16.10
CA GLY A 301 9.64 -2.88 16.95
C GLY A 301 9.32 -3.91 18.01
N GLU A 302 8.61 -3.52 19.05
CA GLU A 302 8.24 -4.49 20.04
C GLU A 302 7.57 -5.70 19.37
N GLU A 303 6.62 -5.48 18.48
CA GLU A 303 5.99 -6.63 17.83
C GLU A 303 5.84 -6.34 16.37
N PHE A 304 5.43 -7.34 15.60
CA PHE A 304 5.29 -7.06 14.17
C PHE A 304 3.85 -7.33 13.78
N LYS A 305 3.15 -6.33 13.29
CA LYS A 305 1.76 -6.54 12.93
C LYS A 305 1.75 -6.68 11.39
N LEU A 306 1.51 -7.88 10.88
CA LEU A 306 1.45 -8.11 9.48
C LEU A 306 0.12 -7.62 8.88
N ASP A 307 -0.98 -7.91 9.51
CA ASP A 307 -2.27 -7.46 9.00
C ASP A 307 -3.27 -7.59 10.16
N ARG A 308 -4.54 -7.31 9.93
CA ARG A 308 -5.53 -7.45 11.05
C ARG A 308 -5.70 -8.85 11.63
N PHE A 309 -5.22 -9.91 10.96
CA PHE A 309 -5.29 -11.30 11.48
C PHE A 309 -4.04 -11.82 12.23
N PHE A 310 -2.90 -11.27 11.88
CA PHE A 310 -1.64 -11.78 12.34
C PHE A 310 -0.81 -10.74 12.99
N THR A 311 -0.61 -10.92 14.32
CA THR A 311 0.31 -10.10 15.13
C THR A 311 1.37 -11.03 15.69
N PHE A 312 2.64 -10.65 15.56
CA PHE A 312 3.76 -11.51 15.96
C PHE A 312 4.58 -10.86 17.08
N PRO A 313 4.34 -11.29 18.34
CA PRO A 313 5.12 -10.70 19.44
C PRO A 313 6.58 -11.15 19.35
N ARG A 314 7.50 -10.35 19.89
CA ARG A 314 8.93 -10.70 19.83
C ARG A 314 9.18 -12.12 20.40
N GLU A 315 9.91 -12.95 19.66
CA GLU A 315 10.24 -14.35 20.09
C GLU A 315 9.10 -15.26 20.67
N LYS A 316 7.84 -15.12 20.22
CA LYS A 316 6.78 -16.11 20.45
C LYS A 316 6.34 -16.74 19.11
N PRO A 317 6.33 -18.09 19.03
CA PRO A 317 5.87 -18.69 17.73
C PRO A 317 4.39 -18.44 17.58
N VAL A 318 3.99 -18.12 16.34
CA VAL A 318 2.54 -17.91 16.00
C VAL A 318 2.26 -18.88 14.81
N ARG A 319 1.17 -19.63 14.94
CA ARG A 319 0.77 -20.57 13.91
C ARG A 319 0.33 -19.73 12.72
N VAL A 320 0.75 -20.18 11.53
CA VAL A 320 0.45 -19.45 10.22
C VAL A 320 0.07 -20.39 9.07
N ASP A 321 -0.81 -19.90 8.17
CA ASP A 321 -1.17 -20.60 6.94
C ASP A 321 0.04 -20.46 6.02
N ARG A 322 0.10 -21.29 5.00
CA ARG A 322 1.26 -21.29 4.06
C ARG A 322 1.37 -20.02 3.25
N ASN A 323 0.27 -19.33 2.94
CA ASN A 323 0.48 -18.05 2.18
C ASN A 323 1.27 -17.05 3.08
N THR A 324 0.88 -16.99 4.34
CA THR A 324 1.54 -16.07 5.26
C THR A 324 3.03 -16.47 5.47
N ALA A 325 3.33 -17.77 5.66
CA ALA A 325 4.74 -18.27 5.66
C ALA A 325 5.53 -17.85 4.45
N GLU A 326 4.92 -18.01 3.29
CA GLU A 326 5.59 -17.71 2.00
C GLU A 326 5.81 -16.19 1.86
N ILE A 327 4.84 -15.40 2.27
CA ILE A 327 5.00 -13.94 2.31
C ILE A 327 6.19 -13.56 3.18
N ILE A 328 6.24 -14.04 4.40
CA ILE A 328 7.43 -13.82 5.24
C ILE A 328 8.74 -14.32 4.63
N ARG A 329 8.76 -15.55 4.14
CA ARG A 329 10.00 -16.09 3.60
C ARG A 329 10.46 -15.35 2.38
N HIS A 330 9.55 -14.98 1.48
CA HIS A 330 10.09 -14.46 0.15
C HIS A 330 10.24 -12.95 0.10
N SER A 331 9.67 -12.26 1.09
CA SER A 331 9.70 -10.76 1.19
C SER A 331 10.87 -10.37 2.04
N ARG A 332 11.14 -9.08 2.12
CA ARG A 332 12.23 -8.48 2.87
C ARG A 332 12.01 -8.83 4.36
N LEU A 333 10.78 -9.24 4.69
CA LEU A 333 10.47 -9.52 6.12
C LEU A 333 11.26 -10.74 6.62
N HIS A 334 11.79 -11.59 5.69
CA HIS A 334 12.56 -12.79 6.05
CA HIS A 334 12.51 -12.79 6.11
C HIS A 334 13.67 -12.45 7.04
N GLN A 335 14.21 -11.25 6.91
CA GLN A 335 15.37 -10.85 7.72
C GLN A 335 15.04 -10.83 9.21
N TRP A 336 13.79 -10.56 9.58
CA TRP A 336 13.41 -10.51 11.01
C TRP A 336 12.56 -11.63 11.50
N PHE A 337 12.58 -12.77 10.81
CA PHE A 337 11.69 -13.87 11.18
C PHE A 337 12.35 -15.22 11.05
N SER A 338 11.87 -16.13 11.87
CA SER A 338 12.10 -17.58 11.71
C SER A 338 10.79 -18.29 11.39
N VAL A 339 10.82 -19.00 10.25
CA VAL A 339 9.65 -19.68 9.70
C VAL A 339 9.94 -21.13 9.59
N SER A 340 9.15 -21.92 10.29
CA SER A 340 9.32 -23.38 10.29
C SER A 340 9.03 -24.03 8.94
N ALA A 341 9.46 -25.28 8.78
CA ALA A 341 9.27 -26.00 7.48
C ALA A 341 7.82 -26.46 7.33
N GLU A 342 7.38 -26.57 6.09
CA GLU A 342 6.06 -27.16 5.78
C GLU A 342 6.03 -28.65 6.12
N GLN A 343 5.02 -29.06 6.90
CA GLN A 343 4.72 -30.45 7.08
C GLN A 343 3.72 -30.87 5.97
N GLN A 344 3.00 -31.95 6.21
CA GLN A 344 1.87 -32.42 5.41
C GLN A 344 0.67 -31.44 5.53
N HIS A 345 -0.07 -31.28 4.44
CA HIS A 345 -1.29 -30.48 4.44
C HIS A 345 -2.23 -30.95 5.48
N MET A 346 -2.81 -30.00 6.22
CA MET A 346 -3.81 -30.30 7.26
C MET A 346 -5.22 -29.76 6.95
N GLY A 347 -5.47 -29.32 5.74
CA GLY A 347 -6.77 -28.66 5.37
C GLY A 347 -6.65 -27.17 5.46
N LEU A 348 -7.79 -26.49 5.46
CA LEU A 348 -7.86 -25.07 5.64
C LEU A 348 -7.31 -24.58 6.97
N PHE A 349 -6.67 -23.44 6.93
CA PHE A 349 -6.02 -22.94 8.16
C PHE A 349 -7.07 -22.49 9.21
N LYS A 350 -7.00 -23.02 10.44
CA LYS A 350 -7.97 -22.61 11.44
C LYS A 350 -7.35 -22.15 12.79
N ALA A 351 -6.02 -22.11 12.89
CA ALA A 351 -5.25 -21.84 14.15
C ALA A 351 -5.14 -20.30 14.45
N ASN A 352 -6.28 -19.63 14.37
CA ASN A 352 -6.35 -18.17 14.51
C ASN A 352 -7.69 -17.85 15.16
N ASP A 353 -7.73 -16.86 16.07
CA ASP A 353 -8.98 -16.72 16.83
C ASP A 353 -10.07 -16.06 15.98
N SER A 354 -9.67 -15.65 14.77
CA SER A 354 -10.62 -15.10 13.80
C SER A 354 -10.56 -15.89 12.48
N TYR A 355 -10.30 -17.19 12.53
CA TYR A 355 -10.20 -17.95 11.24
C TYR A 355 -11.45 -17.88 10.30
N ALA A 356 -12.68 -17.87 10.85
CA ALA A 356 -13.84 -17.80 9.93
C ALA A 356 -13.78 -16.52 9.08
N LEU A 357 -13.40 -15.41 9.71
CA LEU A 357 -13.33 -14.12 9.02
C LEU A 357 -12.16 -14.10 8.11
N LEU A 358 -11.08 -14.79 8.52
CA LEU A 358 -9.86 -14.90 7.71
C LEU A 358 -10.22 -15.48 6.28
N HIS A 359 -11.13 -16.44 6.22
CA HIS A 359 -11.52 -17.10 4.95
C HIS A 359 -12.72 -16.45 4.25
N ALA A 360 -13.27 -15.40 4.84
CA ALA A 360 -14.53 -14.81 4.34
C ALA A 360 -14.27 -13.81 3.28
N PRO A 361 -15.32 -13.40 2.57
CA PRO A 361 -15.09 -12.43 1.49
C PRO A 361 -14.52 -11.12 2.07
N LEU A 362 -13.74 -10.39 1.31
CA LEU A 362 -13.19 -9.13 1.78
C LEU A 362 -14.19 -8.14 2.34
N SER A 363 -15.36 -8.08 1.73
CA SER A 363 -16.46 -7.29 2.15
C SER A 363 -16.75 -7.51 3.63
N MET A 364 -16.76 -8.79 4.05
CA MET A 364 -17.13 -9.14 5.46
C MET A 364 -15.97 -8.83 6.36
N GLN A 365 -14.75 -9.04 5.88
CA GLN A 365 -13.62 -8.64 6.74
C GLN A 365 -13.65 -7.12 7.09
N VAL A 366 -13.84 -6.30 6.06
CA VAL A 366 -13.86 -4.85 6.21
C VAL A 366 -15.00 -4.41 7.13
N GLU A 367 -16.21 -4.84 6.84
CA GLU A 367 -17.35 -4.34 7.60
C GLU A 367 -17.26 -4.77 9.05
N GLN A 368 -16.83 -5.99 9.31
CA GLN A 368 -16.70 -6.50 10.68
C GLN A 368 -15.54 -5.80 11.42
N LEU A 369 -14.49 -5.39 10.70
CA LEU A 369 -13.34 -4.82 11.38
C LEU A 369 -13.38 -3.29 11.56
N VAL A 370 -14.37 -2.61 10.96
CA VAL A 370 -14.68 -1.22 11.34
CA VAL A 370 -14.67 -1.22 11.34
C VAL A 370 -15.37 -1.24 12.71
N SER A 371 -16.27 -2.23 12.90
CA SER A 371 -17.08 -2.38 14.12
C SER A 371 -16.52 -3.46 15.07
CA CA B . 0.33 11.23 -3.26
CA CA C . -22.82 -3.33 4.24
AS7 PA0 D . -8.71 10.97 -3.95
C1 PA0 D . -9.86 12.11 -2.87
C2 PA0 D . -10.29 13.35 -3.43
C3 PA0 D . -11.10 14.19 -2.66
C4 PA0 D . -11.52 13.78 -1.37
C5 PA0 D . -11.12 12.55 -0.86
C6 PA0 D . -10.28 11.70 -1.61
#